data_2PPV
#
_entry.id   2PPV
#
_cell.length_a   136.666
_cell.length_b   136.814
_cell.length_c   55.957
_cell.angle_alpha   90.000
_cell.angle_beta   90.000
_cell.angle_gamma   90.000
#
_symmetry.space_group_name_H-M   'C 2 2 21'
#
loop_
_entity.id
_entity.type
_entity.pdbx_description
1 polymer 'Uncharacterized protein'
2 non-polymer 'PHOSPHATE ION'
3 water water
#
_entity_poly.entity_id   1
_entity_poly.type   'polypeptide(L)'
_entity_poly.pdbx_seq_one_letter_code
;G(MSE)KQ(MSE)NVVLIGGGTGLSVLARGLREFPIDITAIVTVADNGGSTGKIRDV(MSE)DIPAPGDIRNVIAALSDS
ESILTQLFQYRFGENQVDGHSLGNLVIAG(MSE)TNITNDFGHAIKELSKVLNIKGQVIPSTNASVQLNAV(MSE)EDGE
IVHGETNIPKTHKKIDRVFLEPSDVEP(MSE)NEAIEALEQADLIVLGPGSLYTSVISNLCVKGISEALLRTSAPKLYVS
NV(MSE)TQPGETDNYDVKEHIDALTRQVGEPFIDFVICSSESYSKDVLQRYEEKNSKPVAVHKEQLKDSGIRVLTASNL
VEISNEHYVRHNTKVLSK(MSE)IYELALELTSTIRFTPSDKKK
;
_entity_poly.pdbx_strand_id   A
#
# COMPACT_ATOMS: atom_id res chain seq x y z
N LYS A 3 2.24 3.74 -25.34
CA LYS A 3 1.35 2.58 -25.66
C LYS A 3 0.70 1.98 -24.37
N GLN A 4 1.52 1.47 -23.44
CA GLN A 4 1.01 0.68 -22.29
C GLN A 4 0.16 1.51 -21.33
N ASN A 6 -1.12 2.85 -17.67
CA ASN A 6 -0.46 3.32 -16.48
C ASN A 6 -1.38 3.11 -15.28
N VAL A 7 -0.94 2.23 -14.38
CA VAL A 7 -1.56 1.96 -13.09
C VAL A 7 -0.65 2.44 -11.99
N VAL A 8 -1.27 3.19 -11.08
CA VAL A 8 -0.61 3.70 -9.92
C VAL A 8 -1.15 2.96 -8.72
N LEU A 9 -0.25 2.43 -7.91
CA LEU A 9 -0.57 1.75 -6.65
C LEU A 9 -0.10 2.67 -5.53
N ILE A 10 -0.94 2.83 -4.52
CA ILE A 10 -0.63 3.58 -3.31
C ILE A 10 -0.78 2.61 -2.12
N GLY A 11 0.28 2.47 -1.35
CA GLY A 11 0.23 1.58 -0.20
C GLY A 11 1.55 1.45 0.48
N GLY A 12 1.77 0.24 0.97
CA GLY A 12 2.94 -0.07 1.79
C GLY A 12 2.73 -1.50 2.24
N GLY A 13 3.82 -2.20 2.50
CA GLY A 13 3.73 -3.52 3.10
C GLY A 13 3.61 -4.60 2.06
N THR A 14 3.46 -5.83 2.54
CA THR A 14 3.44 -7.01 1.70
C THR A 14 2.24 -7.04 0.76
N GLY A 15 1.18 -6.37 1.10
CA GLY A 15 0.07 -6.25 0.17
C GLY A 15 0.52 -5.62 -1.14
N LEU A 16 1.22 -4.49 -1.01
CA LEU A 16 1.69 -3.78 -2.15
C LEU A 16 2.80 -4.55 -2.89
N SER A 17 3.81 -5.07 -2.19
CA SER A 17 4.90 -5.73 -2.87
CA SER A 17 4.92 -5.79 -2.80
C SER A 17 4.44 -7.00 -3.60
N VAL A 18 3.57 -7.79 -2.99
CA VAL A 18 2.97 -8.96 -3.64
C VAL A 18 2.12 -8.57 -4.87
N LEU A 19 1.34 -7.51 -4.73
CA LEU A 19 0.50 -7.06 -5.82
C LEU A 19 1.33 -6.50 -6.94
N ALA A 20 2.36 -5.71 -6.62
CA ALA A 20 3.22 -5.16 -7.66
C ALA A 20 3.87 -6.26 -8.48
N ARG A 21 4.35 -7.31 -7.81
CA ARG A 21 4.96 -8.42 -8.50
C ARG A 21 3.92 -9.15 -9.37
N GLY A 22 2.69 -9.22 -8.88
CA GLY A 22 1.62 -9.89 -9.61
C GLY A 22 1.27 -9.14 -10.89
N LEU A 23 1.27 -7.81 -10.80
CA LEU A 23 0.95 -6.96 -11.95
C LEU A 23 2.04 -6.94 -13.01
N ARG A 24 3.25 -7.27 -12.59
CA ARG A 24 4.39 -7.40 -13.50
CA ARG A 24 4.32 -7.31 -13.55
C ARG A 24 4.11 -8.45 -14.57
N GLU A 25 3.17 -9.37 -14.30
CA GLU A 25 2.71 -10.37 -15.31
C GLU A 25 1.88 -9.81 -16.49
N PHE A 26 1.59 -8.49 -16.49
CA PHE A 26 0.70 -7.85 -17.50
C PHE A 26 1.38 -6.67 -18.21
N PRO A 27 0.90 -6.32 -19.43
CA PRO A 27 1.42 -5.14 -20.14
C PRO A 27 0.95 -3.79 -19.56
N ILE A 28 1.51 -3.44 -18.41
CA ILE A 28 1.20 -2.20 -17.77
C ILE A 28 2.44 -1.58 -17.19
N ASP A 29 2.48 -0.26 -17.23
CA ASP A 29 3.51 0.53 -16.60
C ASP A 29 3.09 0.84 -15.16
N ILE A 30 3.79 0.22 -14.23
CA ILE A 30 3.45 0.32 -12.83
C ILE A 30 4.20 1.47 -12.15
N THR A 31 3.45 2.31 -11.47
CA THR A 31 4.02 3.27 -10.51
C THR A 31 3.48 2.92 -9.13
N ALA A 32 4.37 2.80 -8.15
CA ALA A 32 3.99 2.56 -6.77
C ALA A 32 4.41 3.77 -5.92
N ILE A 33 3.46 4.32 -5.22
CA ILE A 33 3.71 5.39 -4.24
C ILE A 33 3.65 4.73 -2.86
N VAL A 34 4.76 4.82 -2.13
CA VAL A 34 5.03 3.96 -0.99
C VAL A 34 5.29 4.78 0.27
N THR A 35 4.67 4.39 1.36
CA THR A 35 4.82 5.15 2.59
C THR A 35 6.25 5.01 3.15
N VAL A 36 6.75 6.12 3.69
CA VAL A 36 8.09 6.16 4.26
C VAL A 36 8.10 6.51 5.73
N ALA A 37 6.99 6.23 6.42
CA ALA A 37 6.80 6.62 7.82
C ALA A 37 7.07 5.55 8.89
N ASP A 38 7.32 4.30 8.48
CA ASP A 38 7.49 3.25 9.50
C ASP A 38 8.77 3.43 10.29
N ASN A 39 8.74 2.93 11.50
CA ASN A 39 9.81 3.09 12.43
C ASN A 39 10.10 1.79 13.23
N GLY A 40 9.56 0.65 12.80
CA GLY A 40 9.77 -0.64 13.47
C GLY A 40 10.61 -1.61 12.64
N GLY A 41 10.98 -2.74 13.26
CA GLY A 41 11.86 -3.77 12.62
C GLY A 41 13.15 -3.34 11.91
N SER A 42 13.39 -3.97 10.76
CA SER A 42 14.49 -3.66 9.80
C SER A 42 14.70 -2.14 9.68
N THR A 43 13.59 -1.48 9.39
CA THR A 43 13.54 -0.05 9.10
C THR A 43 13.85 0.77 10.32
N GLY A 44 13.21 0.42 11.42
CA GLY A 44 13.48 1.10 12.66
C GLY A 44 14.93 0.97 13.03
N LYS A 45 15.53 -0.20 12.74
CA LYS A 45 16.98 -0.37 13.06
C LYS A 45 17.79 0.70 12.36
N ILE A 46 17.46 0.95 11.08
CA ILE A 46 18.25 1.92 10.33
C ILE A 46 17.87 3.35 10.66
N ARG A 47 16.59 3.67 10.87
CA ARG A 47 16.20 5.03 11.21
C ARG A 47 16.69 5.47 12.60
N ASP A 48 16.86 4.54 13.54
CA ASP A 48 17.58 4.88 14.79
C ASP A 48 19.03 5.32 14.53
N VAL A 49 19.70 4.63 13.61
CA VAL A 49 21.10 4.94 13.28
C VAL A 49 21.27 6.33 12.62
N ASP A 51 19.09 9.79 10.31
CA ASP A 51 17.88 10.49 9.96
C ASP A 51 17.58 10.29 8.48
N ILE A 52 16.71 9.33 8.20
CA ILE A 52 16.41 8.96 6.82
C ILE A 52 14.94 8.53 6.78
N PRO A 53 14.22 8.81 5.69
CA PRO A 53 12.89 8.19 5.61
C PRO A 53 12.99 6.66 5.69
N ALA A 54 11.92 5.98 6.05
CA ALA A 54 11.87 4.51 6.10
C ALA A 54 12.22 3.83 4.76
N PRO A 55 13.29 3.01 4.73
CA PRO A 55 13.67 2.30 3.49
C PRO A 55 12.93 0.99 3.22
N GLY A 56 12.39 0.36 4.23
CA GLY A 56 11.91 -1.04 4.10
C GLY A 56 10.77 -1.36 3.14
N ASP A 57 9.66 -0.63 3.24
CA ASP A 57 8.53 -0.86 2.33
C ASP A 57 8.95 -0.58 0.89
N ILE A 58 9.64 0.53 0.66
CA ILE A 58 10.18 0.89 -0.63
C ILE A 58 11.13 -0.15 -1.19
N ARG A 59 12.04 -0.64 -0.36
CA ARG A 59 12.97 -1.69 -0.75
CA ARG A 59 12.98 -1.70 -0.74
C ARG A 59 12.23 -2.91 -1.32
N ASN A 60 11.23 -3.39 -0.60
CA ASN A 60 10.42 -4.55 -1.04
C ASN A 60 9.69 -4.29 -2.35
N VAL A 61 9.22 -3.07 -2.55
CA VAL A 61 8.49 -2.78 -3.75
C VAL A 61 9.47 -2.67 -4.93
N ILE A 62 10.60 -2.02 -4.75
CA ILE A 62 11.65 -2.05 -5.77
C ILE A 62 11.98 -3.50 -6.15
N ALA A 63 12.23 -4.34 -5.15
CA ALA A 63 12.57 -5.71 -5.41
C ALA A 63 11.44 -6.43 -6.19
N ALA A 64 10.19 -6.13 -5.89
CA ALA A 64 9.03 -6.74 -6.60
C ALA A 64 8.98 -6.43 -8.09
N LEU A 65 9.45 -5.26 -8.48
CA LEU A 65 9.53 -4.85 -9.86
C LEU A 65 10.82 -5.23 -10.63
N SER A 66 11.70 -5.99 -9.97
CA SER A 66 12.98 -6.36 -10.51
C SER A 66 12.99 -7.87 -10.75
N ASP A 67 14.10 -8.41 -11.22
CA ASP A 67 14.24 -9.85 -11.43
C ASP A 67 14.68 -10.50 -10.14
N SER A 68 13.81 -11.28 -9.51
CA SER A 68 14.13 -11.84 -8.21
C SER A 68 15.29 -12.79 -8.19
N GLU A 69 15.60 -13.41 -9.33
CA GLU A 69 16.69 -14.38 -9.45
CA GLU A 69 16.70 -14.38 -9.35
C GLU A 69 18.07 -13.71 -9.60
N SER A 70 18.08 -12.40 -9.90
CA SER A 70 19.34 -11.66 -10.08
C SER A 70 20.19 -11.55 -8.81
N ILE A 71 21.49 -11.52 -9.02
CA ILE A 71 22.41 -11.35 -7.91
C ILE A 71 22.11 -10.08 -7.14
N LEU A 72 21.88 -8.98 -7.86
CA LEU A 72 21.65 -7.69 -7.20
C LEU A 72 20.37 -7.67 -6.36
N THR A 73 19.31 -8.26 -6.86
CA THR A 73 18.05 -8.34 -6.09
C THR A 73 18.21 -9.27 -4.89
N GLN A 74 18.93 -10.37 -5.06
CA GLN A 74 19.24 -11.24 -3.94
C GLN A 74 20.00 -10.51 -2.83
N LEU A 75 21.02 -9.75 -3.19
CA LEU A 75 21.70 -8.91 -2.20
C LEU A 75 20.80 -7.90 -1.54
N PHE A 76 20.00 -7.20 -2.34
CA PHE A 76 19.14 -6.17 -1.86
C PHE A 76 18.13 -6.70 -0.82
N GLN A 77 17.69 -7.95 -1.01
CA GLN A 77 16.71 -8.58 -0.13
C GLN A 77 17.33 -9.44 0.95
N TYR A 78 18.67 -9.50 1.00
CA TYR A 78 19.37 -10.24 2.03
C TYR A 78 19.31 -9.57 3.41
N ARG A 79 19.18 -10.39 4.46
CA ARG A 79 19.24 -9.88 5.82
C ARG A 79 20.22 -10.66 6.67
N PHE A 80 21.06 -9.96 7.39
CA PHE A 80 22.01 -10.59 8.29
C PHE A 80 21.22 -11.23 9.44
N GLY A 81 21.76 -12.31 10.01
CA GLY A 81 21.21 -12.88 11.23
C GLY A 81 21.43 -11.91 12.35
N GLU A 82 20.69 -12.07 13.44
CA GLU A 82 20.77 -11.11 14.57
C GLU A 82 22.18 -10.98 15.15
N ASN A 83 22.97 -12.05 15.00
CA ASN A 83 24.34 -12.06 15.47
C ASN A 83 25.37 -11.27 14.61
N GLN A 84 24.95 -10.78 13.43
CA GLN A 84 25.85 -10.10 12.49
C GLN A 84 25.25 -8.78 12.09
N VAL A 85 25.98 -7.70 12.28
CA VAL A 85 25.56 -6.38 11.84
C VAL A 85 24.14 -6.04 12.35
N ASP A 86 23.89 -6.39 13.61
CA ASP A 86 22.58 -6.19 14.30
CA ASP A 86 22.60 -6.11 14.26
C ASP A 86 21.39 -6.63 13.50
N GLY A 87 21.56 -7.71 12.73
CA GLY A 87 20.50 -8.25 11.97
C GLY A 87 19.95 -7.28 10.92
N HIS A 88 20.75 -6.30 10.48
CA HIS A 88 20.33 -5.38 9.41
C HIS A 88 19.98 -6.06 8.09
N SER A 89 19.06 -5.42 7.39
CA SER A 89 18.78 -5.66 5.97
C SER A 89 19.89 -5.04 5.14
N LEU A 90 20.51 -5.82 4.26
CA LEU A 90 21.62 -5.29 3.47
C LEU A 90 21.12 -4.23 2.50
N GLY A 91 19.93 -4.43 1.96
CA GLY A 91 19.27 -3.45 1.07
C GLY A 91 19.03 -2.12 1.73
N ASN A 92 18.60 -2.15 3.00
CA ASN A 92 18.43 -0.94 3.79
C ASN A 92 19.73 -0.22 4.00
N LEU A 93 20.81 -0.97 4.25
CA LEU A 93 22.15 -0.38 4.38
C LEU A 93 22.63 0.27 3.10
N VAL A 94 22.32 -0.35 1.97
CA VAL A 94 22.64 0.18 0.66
C VAL A 94 21.84 1.44 0.36
N ILE A 95 20.57 1.42 0.71
CA ILE A 95 19.74 2.65 0.58
C ILE A 95 20.31 3.78 1.44
N ALA A 96 20.66 3.48 2.69
CA ALA A 96 21.29 4.42 3.60
C ALA A 96 22.59 5.03 3.05
N GLY A 97 23.47 4.19 2.51
CA GLY A 97 24.74 4.62 1.93
C GLY A 97 24.51 5.48 0.72
N THR A 99 21.83 7.23 0.09
CA THR A 99 21.31 8.50 0.63
C THR A 99 22.37 9.43 1.19
N ASN A 100 23.34 8.89 1.93
CA ASN A 100 24.54 9.64 2.33
C ASN A 100 25.34 10.17 1.15
N ILE A 101 25.37 9.43 0.06
CA ILE A 101 26.09 9.85 -1.14
C ILE A 101 25.37 10.98 -1.86
N THR A 102 24.07 10.81 -2.10
CA THR A 102 23.26 11.80 -2.82
C THR A 102 22.75 12.98 -1.97
N ASN A 103 22.77 12.81 -0.64
CA ASN A 103 22.12 13.75 0.30
C ASN A 103 20.61 13.97 -0.01
N ASP A 104 19.96 12.96 -0.58
CA ASP A 104 18.60 13.05 -1.10
C ASP A 104 18.02 11.65 -1.25
N PHE A 105 17.06 11.30 -0.39
CA PHE A 105 16.47 9.97 -0.38
C PHE A 105 15.78 9.62 -1.70
N GLY A 106 14.94 10.54 -2.21
CA GLY A 106 14.26 10.35 -3.49
C GLY A 106 15.23 10.09 -4.65
N HIS A 107 16.31 10.86 -4.72
CA HIS A 107 17.31 10.63 -5.77
CA HIS A 107 17.35 10.66 -5.74
C HIS A 107 18.03 9.28 -5.55
N ALA A 108 18.30 8.91 -4.30
CA ALA A 108 18.90 7.58 -4.00
C ALA A 108 17.98 6.46 -4.50
N ILE A 109 16.67 6.59 -4.27
CA ILE A 109 15.74 5.59 -4.76
C ILE A 109 15.73 5.48 -6.29
N LYS A 110 15.79 6.62 -6.98
CA LYS A 110 15.88 6.65 -8.44
C LYS A 110 17.15 5.96 -8.95
N GLU A 111 18.28 6.28 -8.35
CA GLU A 111 19.57 5.66 -8.75
C GLU A 111 19.55 4.14 -8.53
N LEU A 112 19.08 3.71 -7.37
CA LEU A 112 18.99 2.28 -7.07
C LEU A 112 18.01 1.52 -7.94
N SER A 113 16.85 2.13 -8.23
CA SER A 113 15.87 1.54 -9.15
C SER A 113 16.49 1.25 -10.50
N LYS A 114 17.32 2.18 -10.98
CA LYS A 114 17.97 2.02 -12.28
C LYS A 114 19.03 0.93 -12.26
N VAL A 115 19.85 0.91 -11.21
CA VAL A 115 20.87 -0.13 -11.02
C VAL A 115 20.25 -1.55 -10.91
N LEU A 116 19.05 -1.63 -10.32
CA LEU A 116 18.35 -2.91 -10.17
C LEU A 116 17.51 -3.25 -11.40
N ASN A 117 17.58 -2.40 -12.41
CA ASN A 117 16.87 -2.60 -13.66
C ASN A 117 15.38 -2.94 -13.52
N ILE A 118 14.66 -2.18 -12.69
CA ILE A 118 13.28 -2.48 -12.44
C ILE A 118 12.43 -2.04 -13.64
N LYS A 119 11.25 -2.63 -13.71
CA LYS A 119 10.31 -2.28 -14.77
C LYS A 119 9.14 -1.64 -14.05
N GLY A 120 9.07 -0.32 -14.14
CA GLY A 120 8.17 0.48 -13.33
C GLY A 120 8.93 1.54 -12.61
N GLN A 121 8.25 2.16 -11.66
CA GLN A 121 8.86 3.15 -10.81
C GLN A 121 8.25 3.07 -9.42
N VAL A 122 9.11 3.34 -8.45
CA VAL A 122 8.75 3.34 -7.08
C VAL A 122 9.14 4.70 -6.55
N ILE A 123 8.19 5.34 -5.88
CA ILE A 123 8.30 6.72 -5.46
C ILE A 123 7.88 6.83 -4.00
N PRO A 124 8.75 7.46 -3.21
CA PRO A 124 8.34 7.71 -1.83
C PRO A 124 7.16 8.68 -1.74
N SER A 125 6.29 8.47 -0.76
CA SER A 125 5.15 9.41 -0.55
C SER A 125 5.66 10.82 -0.24
N THR A 126 6.82 10.88 0.39
CA THR A 126 7.52 12.14 0.57
C THR A 126 9.00 11.90 0.72
N ASN A 127 9.79 12.91 0.40
CA ASN A 127 11.21 12.87 0.62
C ASN A 127 11.63 13.20 2.08
N ALA A 128 10.70 13.72 2.88
CA ALA A 128 11.00 14.13 4.25
C ALA A 128 10.99 12.95 5.21
N SER A 129 11.76 13.13 6.29
CA SER A 129 11.76 12.22 7.43
CA SER A 129 11.74 12.20 7.40
C SER A 129 10.52 12.52 8.25
N VAL A 130 9.61 11.55 8.35
CA VAL A 130 8.37 11.75 9.11
C VAL A 130 8.08 10.54 10.00
N GLN A 131 7.24 10.78 10.98
CA GLN A 131 6.66 9.77 11.84
C GLN A 131 5.14 9.83 11.68
N LEU A 132 4.51 8.67 11.82
CA LEU A 132 3.09 8.53 11.76
C LEU A 132 2.65 8.45 13.21
N ASN A 133 1.60 9.21 13.52
CA ASN A 133 0.96 9.31 14.80
C ASN A 133 -0.53 9.03 14.62
N ALA A 134 -1.21 8.65 15.70
CA ALA A 134 -2.66 8.45 15.67
C ALA A 134 -3.36 9.21 16.79
N VAL A 135 -4.56 9.71 16.49
CA VAL A 135 -5.47 10.16 17.53
C VAL A 135 -6.49 9.04 17.76
N GLU A 137 -10.02 7.22 19.51
CA GLU A 137 -11.43 7.66 19.66
C GLU A 137 -11.64 8.50 20.93
N ASP A 138 -10.95 8.13 22.01
CA ASP A 138 -11.02 8.87 23.27
C ASP A 138 -10.16 10.13 23.30
N GLY A 139 -9.36 10.37 22.25
CA GLY A 139 -8.58 11.60 22.13
C GLY A 139 -7.09 11.48 22.46
N GLU A 140 -6.69 10.32 22.99
CA GLU A 140 -5.30 9.97 23.18
C GLU A 140 -4.44 10.02 21.90
N ILE A 141 -3.27 10.63 22.03
CA ILE A 141 -2.32 10.66 20.93
CA ILE A 141 -2.31 10.68 20.94
C ILE A 141 -1.26 9.58 21.12
N VAL A 142 -1.05 8.79 20.07
CA VAL A 142 -0.08 7.72 20.05
C VAL A 142 1.01 8.07 19.00
N HIS A 143 2.27 7.85 19.38
CA HIS A 143 3.39 8.32 18.61
C HIS A 143 4.14 7.15 17.98
N GLY A 144 4.22 7.18 16.67
CA GLY A 144 5.06 6.27 15.91
C GLY A 144 4.22 5.14 15.37
N GLU A 145 4.58 4.68 14.17
CA GLU A 145 3.78 3.68 13.48
C GLU A 145 3.71 2.38 14.26
N THR A 146 4.78 2.06 15.00
CA THR A 146 4.87 0.82 15.78
C THR A 146 3.82 0.76 16.93
N ASN A 147 3.57 1.90 17.56
CA ASN A 147 2.60 1.96 18.67
C ASN A 147 1.15 2.06 18.24
N ILE A 148 0.90 2.46 16.99
CA ILE A 148 -0.45 2.76 16.56
C ILE A 148 -1.42 1.57 16.66
N PRO A 149 -1.00 0.37 16.20
CA PRO A 149 -1.93 -0.77 16.35
C PRO A 149 -1.80 -1.49 17.70
N LYS A 150 -0.76 -1.15 18.47
CA LYS A 150 -0.42 -1.84 19.71
C LYS A 150 -1.04 -1.10 20.91
N THR A 151 -2.19 -0.50 20.68
CA THR A 151 -2.94 0.12 21.77
C THR A 151 -4.15 -0.78 21.95
N HIS A 152 -5.35 -0.22 21.87
CA HIS A 152 -6.55 -1.02 21.96
C HIS A 152 -7.77 -0.11 21.93
N LYS A 153 -7.71 0.90 21.09
CA LYS A 153 -8.82 1.82 20.89
C LYS A 153 -9.07 2.00 19.41
N LYS A 154 -10.25 2.50 19.07
CA LYS A 154 -10.53 2.92 17.72
C LYS A 154 -9.58 4.08 17.37
N ILE A 155 -8.93 3.96 16.22
CA ILE A 155 -8.24 5.07 15.60
C ILE A 155 -9.31 6.04 15.08
N ASP A 156 -9.19 7.31 15.43
CA ASP A 156 -10.03 8.36 14.87
C ASP A 156 -9.41 8.86 13.55
N ARG A 157 -8.10 9.14 13.61
CA ARG A 157 -7.33 9.56 12.45
C ARG A 157 -5.83 9.35 12.65
N VAL A 158 -5.11 9.30 11.55
CA VAL A 158 -3.66 9.30 11.61
C VAL A 158 -3.17 10.58 11.02
N PHE A 159 -1.94 10.95 11.41
CA PHE A 159 -1.32 12.16 10.90
C PHE A 159 0.20 12.05 10.96
N LEU A 160 0.86 12.87 10.14
CA LEU A 160 2.27 12.89 10.06
C LEU A 160 2.86 14.03 10.89
N GLU A 161 4.05 13.77 11.41
CA GLU A 161 4.87 14.74 12.10
C GLU A 161 6.27 14.73 11.46
N PRO A 162 6.74 15.86 10.90
CA PRO A 162 6.02 17.11 10.63
C PRO A 162 4.90 16.89 9.63
N SER A 163 3.87 17.71 9.71
CA SER A 163 2.72 17.58 8.83
C SER A 163 2.88 18.33 7.51
N ASP A 164 3.79 19.30 7.46
CA ASP A 164 3.91 20.23 6.33
C ASP A 164 4.63 19.63 5.10
N VAL A 165 4.72 18.32 5.01
CA VAL A 165 5.58 17.70 3.99
C VAL A 165 4.99 17.66 2.57
N GLU A 166 5.89 17.68 1.60
CA GLU A 166 5.58 17.71 0.18
C GLU A 166 5.72 16.34 -0.47
N PRO A 167 4.89 16.05 -1.50
CA PRO A 167 5.01 14.84 -2.27
C PRO A 167 6.21 14.98 -3.21
N ASN A 169 7.49 15.17 -7.07
CA ASN A 169 6.87 15.58 -8.35
C ASN A 169 6.41 14.41 -9.25
N GLU A 170 7.17 13.33 -9.23
CA GLU A 170 6.90 12.19 -10.06
C GLU A 170 5.62 11.46 -9.62
N ALA A 171 5.28 11.53 -8.33
CA ALA A 171 4.07 10.91 -7.81
C ALA A 171 2.88 11.68 -8.29
N ILE A 172 2.96 12.99 -8.25
CA ILE A 172 1.89 13.83 -8.70
C ILE A 172 1.65 13.66 -10.19
N GLU A 173 2.71 13.69 -10.98
CA GLU A 173 2.60 13.45 -12.43
C GLU A 173 1.96 12.09 -12.73
N ALA A 174 2.37 11.06 -12.00
CA ALA A 174 1.77 9.72 -12.19
C ALA A 174 0.26 9.71 -11.88
N LEU A 175 -0.15 10.37 -10.81
CA LEU A 175 -1.58 10.48 -10.50
C LEU A 175 -2.36 11.24 -11.56
N GLU A 176 -1.79 12.32 -12.04
CA GLU A 176 -2.41 13.12 -13.11
C GLU A 176 -2.62 12.32 -14.40
N GLN A 177 -1.65 11.45 -14.72
CA GLN A 177 -1.65 10.78 -16.01
C GLN A 177 -2.04 9.31 -15.98
N ALA A 178 -2.47 8.83 -14.81
CA ALA A 178 -2.85 7.46 -14.65
C ALA A 178 -4.13 7.12 -15.44
N ASP A 179 -4.20 5.86 -15.87
CA ASP A 179 -5.42 5.26 -16.36
C ASP A 179 -6.23 4.70 -15.20
N LEU A 180 -5.56 4.27 -14.15
CA LEU A 180 -6.21 3.74 -12.98
C LEU A 180 -5.32 3.87 -11.76
N ILE A 181 -5.92 4.24 -10.65
CA ILE A 181 -5.21 4.39 -9.37
C ILE A 181 -5.79 3.38 -8.37
N VAL A 182 -4.92 2.57 -7.79
CA VAL A 182 -5.31 1.53 -6.86
C VAL A 182 -4.78 1.85 -5.47
N LEU A 183 -5.69 1.89 -4.50
CA LEU A 183 -5.35 1.99 -3.10
C LEU A 183 -5.54 0.66 -2.39
N GLY A 184 -4.48 0.22 -1.75
CA GLY A 184 -4.50 -1.05 -1.07
C GLY A 184 -4.22 -2.19 -2.03
N PRO A 185 -4.27 -3.40 -1.51
CA PRO A 185 -4.62 -3.82 -0.17
C PRO A 185 -3.44 -3.59 0.81
N GLY A 186 -3.76 -3.50 2.10
CA GLY A 186 -2.74 -3.22 3.11
C GLY A 186 -3.50 -2.76 4.31
N SER A 187 -2.77 -2.57 5.40
CA SER A 187 -3.28 -1.93 6.58
C SER A 187 -3.82 -0.57 6.28
N LEU A 188 -5.08 -0.36 6.64
CA LEU A 188 -5.78 0.82 6.21
C LEU A 188 -5.06 2.09 6.65
N TYR A 189 -4.77 2.21 7.94
CA TYR A 189 -4.14 3.46 8.43
C TYR A 189 -2.67 3.54 8.22
N THR A 190 -1.96 2.48 8.57
CA THR A 190 -0.51 2.53 8.53
C THR A 190 0.09 2.33 7.17
N SER A 191 -0.58 1.60 6.28
CA SER A 191 -0.06 1.42 4.94
C SER A 191 -0.70 2.29 3.87
N VAL A 192 -2.01 2.54 3.95
CA VAL A 192 -2.67 3.29 2.88
C VAL A 192 -2.84 4.77 3.20
N ILE A 193 -3.53 5.04 4.30
CA ILE A 193 -3.86 6.42 4.69
C ILE A 193 -2.62 7.21 4.99
N SER A 194 -1.59 6.57 5.52
CA SER A 194 -0.35 7.25 5.77
C SER A 194 0.21 8.00 4.53
N ASN A 195 -0.01 7.47 3.34
CA ASN A 195 0.35 8.20 2.08
C ASN A 195 -0.55 9.39 1.84
N LEU A 196 -1.83 9.24 2.16
CA LEU A 196 -2.85 10.26 1.91
C LEU A 196 -2.71 11.44 2.89
N CYS A 197 -1.95 11.21 3.96
CA CYS A 197 -1.61 12.25 4.94
C CYS A 197 -0.69 13.29 4.33
N VAL A 198 -0.01 12.94 3.25
CA VAL A 198 0.76 13.92 2.47
C VAL A 198 -0.26 14.72 1.66
N LYS A 199 -0.43 15.98 2.03
CA LYS A 199 -1.54 16.77 1.49
C LYS A 199 -1.58 16.82 -0.05
N GLY A 200 -0.43 16.97 -0.68
CA GLY A 200 -0.35 17.03 -2.15
C GLY A 200 -0.81 15.75 -2.84
N ILE A 201 -0.68 14.61 -2.17
CA ILE A 201 -1.16 13.33 -2.72
CA ILE A 201 -1.16 13.32 -2.71
C ILE A 201 -2.67 13.27 -2.69
N SER A 202 -3.26 13.63 -1.57
CA SER A 202 -4.72 13.74 -1.46
C SER A 202 -5.30 14.77 -2.46
N GLU A 203 -4.65 15.92 -2.59
CA GLU A 203 -5.11 16.93 -3.55
C GLU A 203 -5.06 16.41 -5.00
N ALA A 204 -3.97 15.74 -5.37
CA ALA A 204 -3.86 15.10 -6.68
C ALA A 204 -4.92 14.09 -6.94
N LEU A 205 -5.28 13.28 -5.94
CA LEU A 205 -6.36 12.31 -6.06
C LEU A 205 -7.67 12.95 -6.40
N LEU A 206 -7.97 14.09 -5.77
CA LEU A 206 -9.21 14.80 -6.06
C LEU A 206 -9.20 15.54 -7.40
N ARG A 207 -8.02 15.97 -7.84
CA ARG A 207 -7.88 16.74 -9.06
C ARG A 207 -8.00 15.85 -10.30
N THR A 208 -7.38 14.70 -10.24
CA THR A 208 -7.29 13.82 -11.40
C THR A 208 -8.64 13.20 -11.74
N SER A 209 -8.82 13.03 -13.06
CA SER A 209 -9.98 12.28 -13.55
CA SER A 209 -9.85 12.32 -13.79
C SER A 209 -9.69 10.81 -13.71
N ALA A 210 -8.49 10.34 -13.34
CA ALA A 210 -8.23 8.92 -13.34
C ALA A 210 -9.10 8.28 -12.28
N PRO A 211 -9.76 7.16 -12.60
CA PRO A 211 -10.57 6.54 -11.58
C PRO A 211 -9.75 5.83 -10.49
N LYS A 212 -10.38 5.69 -9.34
CA LYS A 212 -9.75 5.17 -8.14
C LYS A 212 -10.46 3.92 -7.66
N LEU A 213 -9.67 2.89 -7.40
CA LEU A 213 -10.08 1.61 -6.93
C LEU A 213 -9.49 1.40 -5.54
N TYR A 214 -10.32 0.92 -4.62
CA TYR A 214 -9.89 0.46 -3.35
C TYR A 214 -9.93 -1.06 -3.35
N VAL A 215 -8.84 -1.71 -2.92
CA VAL A 215 -8.86 -3.16 -2.78
C VAL A 215 -9.04 -3.43 -1.29
N SER A 216 -10.18 -3.99 -0.94
CA SER A 216 -10.51 -4.27 0.46
C SER A 216 -9.67 -5.39 1.03
N ASN A 217 -9.40 -5.28 2.32
CA ASN A 217 -8.85 -6.38 3.08
C ASN A 217 -9.91 -7.46 3.25
N VAL A 218 -9.44 -8.71 3.31
CA VAL A 218 -10.32 -9.83 3.51
C VAL A 218 -10.87 -9.78 4.95
N THR A 220 -10.76 -7.96 9.07
CA THR A 220 -10.49 -6.76 9.86
C THR A 220 -9.12 -6.90 10.52
N GLN A 221 -8.48 -5.79 10.84
CA GLN A 221 -7.13 -5.81 11.38
C GLN A 221 -7.13 -5.31 12.79
N PRO A 222 -6.67 -6.15 13.73
CA PRO A 222 -6.71 -5.80 15.14
C PRO A 222 -5.86 -4.54 15.42
N GLY A 223 -6.50 -3.53 15.99
CA GLY A 223 -5.84 -2.26 16.29
C GLY A 223 -5.94 -1.20 15.20
N GLU A 224 -6.51 -1.54 14.04
CA GLU A 224 -6.70 -0.57 12.97
C GLU A 224 -8.14 -0.50 12.47
N THR A 225 -8.76 -1.64 12.19
CA THR A 225 -10.08 -1.67 11.56
C THR A 225 -11.09 -2.64 12.19
N ASP A 226 -10.96 -2.90 13.49
CA ASP A 226 -11.94 -3.75 14.20
C ASP A 226 -13.36 -3.34 13.90
N ASN A 227 -14.20 -4.31 13.54
CA ASN A 227 -15.62 -4.06 13.18
C ASN A 227 -15.91 -3.14 11.98
N TYR A 228 -14.91 -2.83 11.14
CA TYR A 228 -15.16 -2.03 9.92
C TYR A 228 -15.76 -2.93 8.84
N ASP A 229 -16.90 -2.54 8.28
CA ASP A 229 -17.33 -3.09 7.01
C ASP A 229 -16.57 -2.35 5.88
N VAL A 230 -16.77 -2.75 4.64
CA VAL A 230 -16.08 -2.11 3.49
C VAL A 230 -16.34 -0.59 3.45
N LYS A 231 -17.56 -0.16 3.69
CA LYS A 231 -17.90 1.27 3.58
C LYS A 231 -17.14 2.10 4.63
N GLU A 232 -16.89 1.53 5.81
CA GLU A 232 -16.16 2.23 6.84
C GLU A 232 -14.70 2.41 6.45
N HIS A 233 -14.13 1.42 5.76
CA HIS A 233 -12.78 1.55 5.26
C HIS A 233 -12.71 2.73 4.25
N ILE A 234 -13.68 2.76 3.35
CA ILE A 234 -13.75 3.79 2.35
C ILE A 234 -13.98 5.15 3.01
N ASP A 235 -14.85 5.19 4.00
CA ASP A 235 -15.13 6.45 4.71
C ASP A 235 -13.88 7.00 5.40
N ALA A 236 -13.04 6.14 5.96
CA ALA A 236 -11.74 6.59 6.49
C ALA A 236 -10.86 7.22 5.42
N LEU A 237 -10.84 6.64 4.22
CA LEU A 237 -10.11 7.25 3.11
C LEU A 237 -10.69 8.61 2.80
N THR A 238 -12.03 8.68 2.69
CA THR A 238 -12.73 9.92 2.39
C THR A 238 -12.46 11.02 3.41
N ARG A 239 -12.46 10.65 4.67
CA ARG A 239 -12.16 11.57 5.73
C ARG A 239 -10.78 12.22 5.54
N GLN A 240 -9.76 11.42 5.26
CA GLN A 240 -8.42 11.96 5.06
C GLN A 240 -8.28 12.88 3.85
N VAL A 241 -8.86 12.45 2.75
CA VAL A 241 -8.75 13.13 1.49
C VAL A 241 -9.64 14.36 1.45
N GLY A 242 -10.83 14.29 2.05
CA GLY A 242 -11.73 15.45 2.18
C GLY A 242 -13.07 15.33 1.48
N GLU A 243 -13.11 14.59 0.36
CA GLU A 243 -14.34 14.36 -0.40
C GLU A 243 -14.38 12.92 -0.84
N PRO A 244 -15.58 12.36 -1.11
CA PRO A 244 -15.63 11.02 -1.72
C PRO A 244 -14.84 10.96 -3.03
N PHE A 245 -14.11 9.88 -3.26
CA PHE A 245 -13.34 9.80 -4.48
C PHE A 245 -13.19 8.39 -5.02
N ILE A 246 -13.52 7.37 -4.24
CA ILE A 246 -13.40 5.96 -4.67
C ILE A 246 -14.58 5.64 -5.58
N ASP A 247 -14.27 5.10 -6.77
CA ASP A 247 -15.27 4.70 -7.76
C ASP A 247 -15.56 3.20 -7.73
N PHE A 248 -14.55 2.41 -7.38
CA PHE A 248 -14.63 0.95 -7.48
C PHE A 248 -14.05 0.32 -6.23
N VAL A 249 -14.58 -0.85 -5.84
CA VAL A 249 -14.02 -1.60 -4.73
C VAL A 249 -14.00 -3.06 -5.11
N ILE A 250 -12.84 -3.69 -4.89
CA ILE A 250 -12.70 -5.14 -5.05
C ILE A 250 -12.82 -5.78 -3.68
N CYS A 251 -13.75 -6.72 -3.56
CA CYS A 251 -13.99 -7.38 -2.31
C CYS A 251 -14.71 -8.72 -2.56
N SER A 252 -14.80 -9.56 -1.54
CA SER A 252 -15.58 -10.78 -1.63
C SER A 252 -16.64 -10.82 -0.54
N SER A 253 -17.88 -11.17 -0.88
CA SER A 253 -18.94 -11.29 0.14
C SER A 253 -19.24 -12.76 0.41
N GLU A 254 -18.26 -13.62 0.09
CA GLU A 254 -18.37 -15.02 0.44
C GLU A 254 -18.35 -15.19 1.95
N SER A 255 -19.07 -16.20 2.42
CA SER A 255 -19.02 -16.61 3.81
C SER A 255 -17.93 -17.65 3.94
N TYR A 256 -17.28 -17.70 5.11
CA TYR A 256 -16.14 -18.60 5.34
C TYR A 256 -16.54 -19.77 6.24
N SER A 257 -15.75 -20.84 6.17
CA SER A 257 -15.98 -22.02 7.01
C SER A 257 -15.87 -21.68 8.49
N LYS A 258 -16.41 -22.57 9.33
CA LYS A 258 -16.39 -22.38 10.79
C LYS A 258 -14.95 -22.29 11.27
N ASP A 259 -14.08 -23.08 10.63
CA ASP A 259 -12.66 -23.15 11.01
C ASP A 259 -11.89 -21.87 10.69
N VAL A 260 -12.20 -21.26 9.54
CA VAL A 260 -11.60 -19.98 9.18
C VAL A 260 -12.02 -18.91 10.16
N LEU A 261 -13.33 -18.78 10.38
CA LEU A 261 -13.87 -17.80 11.31
C LEU A 261 -13.24 -17.98 12.70
N GLN A 262 -13.19 -19.23 13.19
CA GLN A 262 -12.49 -19.56 14.43
C GLN A 262 -11.05 -19.08 14.47
N ARG A 263 -10.28 -19.36 13.43
CA ARG A 263 -8.86 -18.99 13.43
C ARG A 263 -8.70 -17.47 13.60
N TYR A 264 -9.59 -16.71 12.93
CA TYR A 264 -9.48 -15.25 12.93
C TYR A 264 -10.11 -14.65 14.20
N GLU A 265 -11.15 -15.28 14.74
CA GLU A 265 -11.70 -14.85 16.05
C GLU A 265 -10.61 -14.91 17.12
N GLU A 266 -9.87 -16.02 17.18
CA GLU A 266 -8.73 -16.14 18.11
C GLU A 266 -7.72 -15.00 18.00
N LYS A 267 -7.53 -14.46 16.79
CA LYS A 267 -6.64 -13.32 16.54
C LYS A 267 -7.41 -11.98 16.52
N ASN A 268 -8.64 -12.01 17.02
CA ASN A 268 -9.52 -10.84 17.18
C ASN A 268 -9.89 -10.12 15.86
N SER A 269 -10.34 -10.91 14.90
CA SER A 269 -10.42 -10.53 13.48
C SER A 269 -11.64 -11.25 12.91
N LYS A 270 -12.42 -10.54 12.10
CA LYS A 270 -13.57 -11.11 11.40
C LYS A 270 -13.53 -10.70 9.93
N PRO A 271 -14.29 -11.39 9.06
CA PRO A 271 -14.35 -10.96 7.67
C PRO A 271 -14.86 -9.54 7.58
N VAL A 272 -14.34 -8.78 6.61
CA VAL A 272 -14.83 -7.45 6.36
C VAL A 272 -16.16 -7.60 5.60
N ALA A 273 -17.24 -7.09 6.19
CA ALA A 273 -18.58 -7.21 5.64
C ALA A 273 -18.76 -6.29 4.45
N VAL A 274 -19.46 -6.76 3.41
CA VAL A 274 -19.53 -6.02 2.18
C VAL A 274 -20.69 -5.04 2.14
N HIS A 275 -21.90 -5.54 2.39
CA HIS A 275 -23.14 -4.72 2.31
C HIS A 275 -23.27 -4.02 0.96
N LYS A 276 -23.35 -4.81 -0.10
CA LYS A 276 -23.19 -4.34 -1.48
C LYS A 276 -24.21 -3.31 -1.91
N GLU A 277 -25.39 -3.31 -1.27
CA GLU A 277 -26.46 -2.37 -1.60
C GLU A 277 -26.14 -0.97 -1.09
N GLN A 278 -25.65 -0.86 0.15
CA GLN A 278 -25.15 0.41 0.68
C GLN A 278 -24.06 1.03 -0.22
N LEU A 279 -23.18 0.20 -0.76
CA LEU A 279 -22.09 0.67 -1.58
C LEU A 279 -22.60 1.21 -2.92
N LYS A 280 -23.56 0.49 -3.52
CA LYS A 280 -24.15 0.89 -4.81
C LYS A 280 -24.98 2.18 -4.67
N ASP A 281 -25.61 2.34 -3.51
CA ASP A 281 -26.29 3.60 -3.16
C ASP A 281 -25.34 4.78 -3.03
N SER A 282 -24.09 4.53 -2.65
CA SER A 282 -23.06 5.57 -2.58
C SER A 282 -22.34 5.78 -3.91
N GLY A 283 -22.77 5.07 -4.93
CA GLY A 283 -22.26 5.23 -6.28
C GLY A 283 -20.94 4.49 -6.47
N ILE A 284 -20.69 3.48 -5.63
CA ILE A 284 -19.44 2.70 -5.71
C ILE A 284 -19.77 1.36 -6.35
N ARG A 285 -19.03 1.02 -7.40
CA ARG A 285 -19.15 -0.24 -8.07
C ARG A 285 -18.28 -1.33 -7.44
N VAL A 286 -18.93 -2.45 -7.12
CA VAL A 286 -18.31 -3.58 -6.46
C VAL A 286 -17.87 -4.61 -7.48
N LEU A 287 -16.62 -5.03 -7.37
CA LEU A 287 -16.01 -5.99 -8.29
C LEU A 287 -15.58 -7.19 -7.44
N THR A 288 -15.91 -8.39 -7.90
CA THR A 288 -15.51 -9.61 -7.27
C THR A 288 -15.29 -10.73 -8.31
N ALA A 289 -14.80 -11.87 -7.82
CA ALA A 289 -14.60 -13.08 -8.57
C ALA A 289 -14.76 -14.23 -7.59
N SER A 290 -15.11 -15.41 -8.10
CA SER A 290 -15.35 -16.53 -7.21
C SER A 290 -14.06 -17.01 -6.47
N ASN A 291 -12.89 -16.77 -7.06
CA ASN A 291 -11.60 -17.27 -6.55
C ASN A 291 -10.66 -16.14 -6.16
N LEU A 292 -11.22 -15.00 -5.77
CA LEU A 292 -10.44 -13.85 -5.32
C LEU A 292 -9.65 -14.15 -4.06
N VAL A 293 -10.20 -15.04 -3.25
CA VAL A 293 -9.62 -15.39 -1.94
C VAL A 293 -9.16 -16.84 -1.97
N GLU A 294 -7.95 -17.09 -1.47
CA GLU A 294 -7.35 -18.42 -1.33
C GLU A 294 -7.42 -18.74 0.17
N ILE A 295 -7.52 -20.03 0.50
CA ILE A 295 -7.74 -20.47 1.86
C ILE A 295 -6.84 -21.67 2.10
N SER A 296 -6.01 -21.61 3.13
CA SER A 296 -5.02 -22.67 3.36
C SER A 296 -5.63 -23.82 4.11
N ASN A 297 -4.93 -24.95 4.08
CA ASN A 297 -5.32 -26.14 4.86
CA ASN A 297 -5.34 -26.13 4.86
C ASN A 297 -5.35 -25.85 6.37
N GLU A 298 -4.56 -24.86 6.81
CA GLU A 298 -4.53 -24.43 8.21
C GLU A 298 -5.54 -23.31 8.51
N HIS A 299 -6.43 -23.02 7.55
CA HIS A 299 -7.55 -22.07 7.71
C HIS A 299 -7.16 -20.56 7.69
N TYR A 300 -6.01 -20.23 7.12
CA TYR A 300 -5.63 -18.85 6.88
C TYR A 300 -6.20 -18.46 5.51
N VAL A 301 -6.41 -17.16 5.28
CA VAL A 301 -6.96 -16.64 4.06
C VAL A 301 -6.01 -15.60 3.51
N ARG A 302 -5.98 -15.46 2.19
CA ARG A 302 -5.28 -14.36 1.57
C ARG A 302 -5.86 -14.10 0.22
N HIS A 303 -5.46 -13.00 -0.41
CA HIS A 303 -5.87 -12.77 -1.80
C HIS A 303 -5.13 -13.69 -2.72
N ASN A 304 -5.85 -14.20 -3.71
CA ASN A 304 -5.22 -14.93 -4.81
C ASN A 304 -4.60 -13.86 -5.73
N THR A 305 -3.28 -13.82 -5.79
CA THR A 305 -2.58 -12.71 -6.44
C THR A 305 -2.85 -12.69 -7.93
N LYS A 306 -2.91 -13.88 -8.52
CA LYS A 306 -3.12 -14.01 -9.94
C LYS A 306 -4.49 -13.43 -10.31
N VAL A 307 -5.49 -13.74 -9.51
CA VAL A 307 -6.87 -13.31 -9.76
C VAL A 307 -7.03 -11.81 -9.54
N LEU A 308 -6.47 -11.31 -8.44
CA LEU A 308 -6.53 -9.91 -8.12
C LEU A 308 -5.82 -9.06 -9.17
N SER A 309 -4.64 -9.50 -9.53
CA SER A 309 -3.86 -8.84 -10.60
C SER A 309 -4.62 -8.77 -11.90
N LYS A 310 -5.20 -9.89 -12.33
CA LYS A 310 -5.92 -9.94 -13.59
CA LYS A 310 -5.91 -9.91 -13.59
C LYS A 310 -7.14 -9.02 -13.53
N ILE A 312 -7.52 -6.20 -11.77
CA ILE A 312 -6.98 -4.87 -11.95
C ILE A 312 -6.63 -4.55 -13.38
N TYR A 313 -5.87 -5.42 -14.03
CA TYR A 313 -5.55 -5.23 -15.42
C TYR A 313 -6.81 -5.17 -16.28
N GLU A 314 -7.77 -6.09 -16.04
CA GLU A 314 -9.01 -6.08 -16.83
C GLU A 314 -9.87 -4.83 -16.60
N LEU A 315 -9.89 -4.31 -15.39
CA LEU A 315 -10.54 -3.03 -15.14
C LEU A 315 -9.89 -1.86 -15.91
N ALA A 316 -8.56 -1.75 -15.86
CA ALA A 316 -7.85 -0.74 -16.66
C ALA A 316 -8.18 -0.86 -18.16
N LEU A 317 -8.14 -2.09 -18.64
CA LEU A 317 -8.55 -2.36 -19.99
C LEU A 317 -9.99 -1.89 -20.35
N GLU A 318 -10.96 -2.19 -19.51
CA GLU A 318 -12.34 -1.77 -19.71
C GLU A 318 -12.50 -0.27 -19.66
N LEU A 319 -11.80 0.38 -18.72
CA LEU A 319 -11.87 1.83 -18.59
C LEU A 319 -11.24 2.53 -19.78
N THR A 320 -10.28 1.88 -20.43
CA THR A 320 -9.66 2.46 -21.63
C THR A 320 -10.27 1.95 -22.96
N SER A 321 -11.37 1.19 -22.92
CA SER A 321 -11.92 0.57 -24.13
C SER A 321 -12.82 1.54 -24.90
N THR A 322 -13.21 1.14 -26.10
CA THR A 322 -14.16 1.92 -26.91
C THR A 322 -15.52 1.88 -26.23
N ILE A 323 -16.34 2.90 -26.49
CA ILE A 323 -17.68 3.00 -25.93
C ILE A 323 -18.72 3.20 -27.05
N ARG A 324 -19.99 3.32 -26.68
CA ARG A 324 -21.03 3.60 -27.64
C ARG A 324 -21.43 5.07 -27.60
N PHE A 325 -21.25 5.74 -28.72
CA PHE A 325 -21.93 7.00 -28.95
C PHE A 325 -22.26 7.19 -30.43
N THR A 326 -23.23 8.06 -30.70
CA THR A 326 -23.49 8.54 -32.06
C THR A 326 -22.74 9.90 -32.25
N PRO A 327 -21.87 10.01 -33.28
CA PRO A 327 -21.16 11.29 -33.52
C PRO A 327 -22.06 12.45 -33.97
#